data_8WRA
#
_entry.id   8WRA
#
_cell.length_a   62.807
_cell.length_b   62.807
_cell.length_c   144.132
_cell.angle_alpha   90.000
_cell.angle_beta   90.000
_cell.angle_gamma   90.000
#
_symmetry.space_group_name_H-M   'P 43 21 2'
#
loop_
_entity.id
_entity.type
_entity.pdbx_description
1 polymer Caspase-1
2 non-polymer 1,2-ETHANEDIOL
3 water water
#
_entity_poly.entity_id   1
_entity_poly.type   'polypeptide(L)'
_entity_poly.pdbx_seq_one_letter_code
;NPAMPTSSGSEGNVKLCSLEEAQRIWKQKSAEIYPIMDKSSRTRLALIICNEEFDSIPRRTGAEVDITGMTMLLQNLGYS
VDVKKNLTASDMTTELEAFAHRPEHKTSDSTFLVFMSHGIREGICGKKHSEQVPDILQLNAIFNMLNTKNCPSLKDKPKV
IIIQACRGDSPGVVWFKDSVGVSGNLSLPTTEEFEDDAIKKAHIEKDFIAFCSSTPDNVSWRHPTMGSVFIGRLIEHMQE
YACSCDVEEIFRKVRFSFEQPDGRAQMPATERVTLTRCFYLFPGH
;
_entity_poly.pdbx_strand_id   A
#
# COMPACT_ATOMS: atom_id res chain seq x y z
N GLU A 11 -12.48 -13.71 9.13
CA GLU A 11 -11.27 -12.86 8.92
C GLU A 11 -10.42 -13.41 7.78
N GLY A 12 -10.44 -14.74 7.59
CA GLY A 12 -9.51 -15.40 6.70
C GLY A 12 -8.17 -15.65 7.39
N ASN A 13 -7.24 -16.29 6.68
CA ASN A 13 -6.01 -16.76 7.28
C ASN A 13 -4.86 -16.58 6.29
N VAL A 14 -3.74 -16.00 6.75
CA VAL A 14 -2.53 -15.90 5.93
C VAL A 14 -1.81 -17.24 5.89
N LYS A 15 -1.80 -17.84 4.70
CA LYS A 15 -1.09 -19.10 4.47
CA LYS A 15 -1.10 -19.10 4.48
C LYS A 15 0.40 -18.88 4.66
N LEU A 16 1.07 -19.79 5.39
CA LEU A 16 2.48 -19.60 5.69
C LEU A 16 3.35 -20.18 4.57
N CYS A 17 4.55 -19.61 4.46
CA CYS A 17 5.59 -20.05 3.57
C CYS A 17 6.35 -21.16 4.28
N SER A 18 6.23 -22.38 3.76
CA SER A 18 6.90 -23.52 4.34
C SER A 18 8.42 -23.36 4.19
N LEU A 19 9.17 -24.15 4.95
CA LEU A 19 10.61 -24.20 4.79
C LEU A 19 10.92 -24.64 3.37
N GLU A 20 10.07 -25.54 2.83
CA GLU A 20 10.19 -26.06 1.48
C GLU A 20 9.98 -24.95 0.45
N GLU A 21 8.91 -24.16 0.63
CA GLU A 21 8.58 -23.09 -0.32
C GLU A 21 9.70 -22.05 -0.32
N ALA A 22 10.18 -21.67 0.87
CA ALA A 22 11.21 -20.65 0.98
C ALA A 22 12.46 -21.07 0.20
N GLN A 23 12.81 -22.35 0.31
CA GLN A 23 13.97 -22.90 -0.39
C GLN A 23 13.78 -22.74 -1.90
N ARG A 24 12.59 -23.14 -2.39
CA ARG A 24 12.24 -23.02 -3.80
C ARG A 24 12.43 -21.58 -4.28
N ILE A 25 11.90 -20.62 -3.50
CA ILE A 25 11.89 -19.22 -3.89
C ILE A 25 13.30 -18.70 -4.06
N TRP A 26 14.16 -18.95 -3.07
CA TRP A 26 15.53 -18.44 -3.08
C TRP A 26 16.33 -19.00 -4.24
N LYS A 27 16.09 -20.28 -4.59
CA LYS A 27 16.76 -20.92 -5.71
C LYS A 27 16.41 -20.24 -7.01
N GLN A 28 15.10 -20.04 -7.25
CA GLN A 28 14.60 -19.72 -8.57
C GLN A 28 14.90 -18.28 -8.99
N LYS A 29 14.99 -17.36 -8.01
CA LYS A 29 15.13 -15.95 -8.33
C LYS A 29 16.60 -15.50 -8.30
N SER A 30 17.53 -16.46 -8.15
CA SER A 30 18.95 -16.17 -8.15
C SER A 30 19.30 -15.15 -7.07
N ALA A 31 18.61 -15.25 -5.93
CA ALA A 31 18.85 -14.43 -4.76
C ALA A 31 18.53 -12.95 -4.99
N GLU A 32 17.85 -12.61 -6.10
CA GLU A 32 17.42 -11.24 -6.39
C GLU A 32 16.15 -10.94 -5.62
N ILE A 33 16.26 -11.10 -4.29
CA ILE A 33 15.14 -11.02 -3.37
C ILE A 33 15.54 -10.05 -2.25
N TYR A 34 14.58 -9.25 -1.77
CA TYR A 34 14.88 -8.36 -0.65
C TYR A 34 15.11 -9.21 0.59
N PRO A 35 16.19 -8.96 1.34
CA PRO A 35 16.47 -9.74 2.54
C PRO A 35 15.50 -9.43 3.67
N ILE A 36 15.19 -10.44 4.48
CA ILE A 36 14.35 -10.22 5.64
C ILE A 36 15.23 -10.31 6.88
N MET A 37 14.86 -9.50 7.87
CA MET A 37 15.59 -9.44 9.11
C MET A 37 15.06 -10.51 10.08
N ASP A 38 15.82 -10.73 11.15
CA ASP A 38 15.50 -11.75 12.14
C ASP A 38 14.15 -11.43 12.80
N LYS A 39 13.28 -12.43 12.92
CA LYS A 39 11.92 -12.26 13.42
CA LYS A 39 11.93 -12.25 13.42
C LYS A 39 11.93 -11.69 14.84
N SER A 40 12.87 -12.16 15.68
CA SER A 40 12.84 -11.83 17.10
C SER A 40 13.48 -10.47 17.42
N SER A 41 14.10 -9.80 16.44
CA SER A 41 14.68 -8.48 16.68
C SER A 41 14.11 -7.39 15.77
N ARG A 42 13.54 -7.76 14.61
CA ARG A 42 13.12 -6.73 13.67
C ARG A 42 11.92 -5.97 14.20
N THR A 43 11.77 -4.73 13.73
CA THR A 43 10.74 -3.81 14.19
C THR A 43 10.01 -3.23 12.98
N ARG A 44 9.20 -4.06 12.33
CA ARG A 44 8.47 -3.65 11.14
C ARG A 44 7.31 -2.72 11.50
N LEU A 45 7.15 -1.63 10.74
CA LEU A 45 6.05 -0.70 10.90
C LEU A 45 5.21 -0.61 9.63
N ALA A 46 3.92 -0.35 9.83
CA ALA A 46 3.01 -0.02 8.75
C ALA A 46 2.11 1.12 9.22
N LEU A 47 1.66 1.94 8.26
CA LEU A 47 0.76 3.05 8.54
C LEU A 47 -0.47 2.96 7.66
N ILE A 48 -1.65 3.05 8.30
CA ILE A 48 -2.91 3.17 7.59
C ILE A 48 -3.47 4.57 7.86
N ILE A 49 -3.72 5.32 6.79
CA ILE A 49 -4.47 6.56 6.89
C ILE A 49 -5.80 6.36 6.19
N CYS A 50 -6.88 6.51 6.93
CA CYS A 50 -8.20 6.28 6.38
C CYS A 50 -9.10 7.48 6.64
N ASN A 51 -9.61 8.07 5.56
CA ASN A 51 -10.59 9.15 5.66
C ASN A 51 -11.95 8.59 5.28
N GLU A 52 -12.90 8.70 6.22
CA GLU A 52 -14.24 8.15 6.09
CA GLU A 52 -14.24 8.17 5.99
C GLU A 52 -15.28 9.27 6.17
N GLU A 53 -15.03 10.24 7.07
CA GLU A 53 -15.94 11.35 7.31
CA GLU A 53 -15.93 11.35 7.32
C GLU A 53 -15.35 12.62 6.70
N PHE A 54 -16.12 13.28 5.83
CA PHE A 54 -15.65 14.44 5.10
C PHE A 54 -16.60 15.62 5.29
N ASP A 55 -16.04 16.84 5.16
CA ASP A 55 -16.82 18.06 5.24
C ASP A 55 -17.84 18.14 4.11
N SER A 56 -17.43 17.81 2.88
CA SER A 56 -18.17 18.19 1.69
C SER A 56 -18.35 17.05 0.70
N ILE A 57 -17.90 15.84 1.05
CA ILE A 57 -18.03 14.71 0.14
C ILE A 57 -18.61 13.53 0.91
N PRO A 58 -19.19 12.53 0.22
CA PRO A 58 -19.94 11.46 0.89
C PRO A 58 -19.14 10.64 1.90
N ARG A 59 -19.81 10.23 2.97
CA ARG A 59 -19.23 9.31 3.95
C ARG A 59 -18.87 8.00 3.27
N ARG A 60 -17.71 7.42 3.65
CA ARG A 60 -17.30 6.12 3.14
C ARG A 60 -17.63 5.07 4.20
N THR A 61 -18.79 4.43 4.06
CA THR A 61 -19.43 3.69 5.14
C THR A 61 -18.73 2.38 5.46
N GLY A 62 -18.02 1.80 4.47
CA GLY A 62 -17.37 0.50 4.66
C GLY A 62 -15.98 0.62 5.28
N ALA A 63 -15.61 1.84 5.71
CA ALA A 63 -14.25 2.14 6.09
C ALA A 63 -13.79 1.29 7.28
N GLU A 64 -14.65 1.13 8.30
CA GLU A 64 -14.21 0.45 9.51
C GLU A 64 -13.90 -1.02 9.22
N VAL A 65 -14.71 -1.67 8.36
CA VAL A 65 -14.44 -3.04 7.95
C VAL A 65 -13.08 -3.10 7.24
N ASP A 66 -12.81 -2.12 6.38
CA ASP A 66 -11.56 -2.09 5.62
C ASP A 66 -10.37 -1.83 6.54
N ILE A 67 -10.49 -0.92 7.50
CA ILE A 67 -9.44 -0.67 8.48
C ILE A 67 -9.13 -1.95 9.25
N THR A 68 -10.19 -2.61 9.74
CA THR A 68 -10.04 -3.83 10.52
C THR A 68 -9.29 -4.88 9.71
N GLY A 69 -9.74 -5.12 8.48
CA GLY A 69 -9.14 -6.15 7.66
C GLY A 69 -7.68 -5.87 7.33
N MET A 70 -7.37 -4.63 6.94
CA MET A 70 -6.00 -4.29 6.60
C MET A 70 -5.09 -4.33 7.83
N THR A 71 -5.63 -3.92 8.99
CA THR A 71 -4.85 -3.94 10.21
C THR A 71 -4.48 -5.38 10.57
N MET A 72 -5.47 -6.28 10.54
CA MET A 72 -5.22 -7.66 10.94
C MET A 72 -4.27 -8.32 9.93
N LEU A 73 -4.43 -8.02 8.64
CA LEU A 73 -3.56 -8.61 7.63
C LEU A 73 -2.12 -8.18 7.88
N LEU A 74 -1.91 -6.87 8.02
CA LEU A 74 -0.55 -6.37 8.16
C LEU A 74 0.09 -6.87 9.46
N GLN A 75 -0.69 -7.00 10.54
CA GLN A 75 -0.15 -7.60 11.75
C GLN A 75 0.28 -9.04 11.51
N ASN A 76 -0.55 -9.78 10.77
CA ASN A 76 -0.28 -11.19 10.50
C ASN A 76 0.96 -11.31 9.60
N LEU A 77 1.28 -10.27 8.82
CA LEU A 77 2.48 -10.27 8.01
C LEU A 77 3.69 -9.73 8.78
N GLY A 78 3.50 -9.37 10.06
CA GLY A 78 4.58 -9.05 10.96
C GLY A 78 4.80 -7.56 11.22
N TYR A 79 3.82 -6.72 10.83
CA TYR A 79 3.96 -5.27 11.00
C TYR A 79 3.21 -4.79 12.23
N SER A 80 3.83 -3.83 12.93
CA SER A 80 3.11 -3.01 13.89
CA SER A 80 3.14 -2.98 13.89
C SER A 80 2.39 -1.91 13.13
N VAL A 81 1.08 -1.80 13.37
CA VAL A 81 0.22 -0.96 12.54
C VAL A 81 -0.28 0.26 13.32
N ASP A 82 0.01 1.44 12.78
CA ASP A 82 -0.61 2.67 13.24
C ASP A 82 -1.80 2.99 12.33
N VAL A 83 -2.89 3.45 12.92
CA VAL A 83 -4.08 3.84 12.18
C VAL A 83 -4.39 5.30 12.50
N LYS A 84 -4.48 6.13 11.46
CA LYS A 84 -4.89 7.51 11.60
C LYS A 84 -6.14 7.76 10.78
N LYS A 85 -7.10 8.52 11.33
CA LYS A 85 -8.40 8.64 10.70
C LYS A 85 -8.77 10.12 10.52
N ASN A 86 -9.35 10.42 9.36
CA ASN A 86 -10.03 11.69 9.09
C ASN A 86 -9.06 12.85 9.25
N LEU A 87 -8.05 12.87 8.36
CA LEU A 87 -7.01 13.90 8.36
C LEU A 87 -7.18 14.82 7.16
N THR A 88 -6.79 16.08 7.36
CA THR A 88 -6.54 17.00 6.27
C THR A 88 -5.25 16.58 5.56
N ALA A 89 -5.01 17.13 4.37
CA ALA A 89 -3.78 16.87 3.64
C ALA A 89 -2.58 17.33 4.46
N SER A 90 -2.72 18.45 5.18
CA SER A 90 -1.66 18.98 6.02
CA SER A 90 -1.65 18.98 6.00
C SER A 90 -1.35 18.01 7.15
N ASP A 91 -2.39 17.44 7.76
CA ASP A 91 -2.21 16.49 8.85
C ASP A 91 -1.60 15.18 8.31
N MET A 92 -1.99 14.77 7.11
CA MET A 92 -1.42 13.58 6.50
C MET A 92 0.07 13.80 6.25
N THR A 93 0.42 15.01 5.80
CA THR A 93 1.79 15.37 5.53
C THR A 93 2.61 15.29 6.83
N THR A 94 2.06 15.85 7.92
CA THR A 94 2.74 15.84 9.20
C THR A 94 2.95 14.40 9.67
N GLU A 95 1.94 13.55 9.48
CA GLU A 95 2.00 12.16 9.93
CA GLU A 95 2.01 12.17 9.93
C GLU A 95 3.03 11.39 9.11
N LEU A 96 3.10 11.66 7.80
CA LEU A 96 4.03 10.94 6.95
C LEU A 96 5.46 11.32 7.28
N GLU A 97 5.70 12.61 7.57
CA GLU A 97 7.03 13.06 7.94
CA GLU A 97 7.03 13.06 7.94
C GLU A 97 7.45 12.39 9.24
N ALA A 98 6.52 12.28 10.20
CA ALA A 98 6.79 11.64 11.47
C ALA A 98 7.08 10.15 11.25
N PHE A 99 6.27 9.50 10.39
CA PHE A 99 6.44 8.09 10.11
C PHE A 99 7.82 7.81 9.51
N ALA A 100 8.26 8.69 8.59
CA ALA A 100 9.55 8.53 7.93
C ALA A 100 10.70 8.55 8.95
N HIS A 101 10.50 9.26 10.06
CA HIS A 101 11.54 9.47 11.06
C HIS A 101 11.45 8.45 12.19
N ARG A 102 10.53 7.48 12.11
CA ARG A 102 10.38 6.50 13.18
C ARG A 102 11.68 5.71 13.33
N PRO A 103 12.23 5.57 14.55
CA PRO A 103 13.46 4.79 14.75
C PRO A 103 13.36 3.33 14.33
N GLU A 104 12.16 2.76 14.39
CA GLU A 104 11.95 1.35 14.07
C GLU A 104 12.41 1.03 12.66
N HIS A 105 12.35 1.97 11.73
CA HIS A 105 12.73 1.67 10.36
C HIS A 105 14.19 1.20 10.26
N LYS A 106 15.05 1.67 11.16
CA LYS A 106 16.45 1.31 11.11
C LYS A 106 16.63 -0.20 11.34
N THR A 107 15.74 -0.81 12.12
CA THR A 107 15.79 -2.23 12.43
C THR A 107 14.60 -2.95 11.78
N SER A 108 14.17 -2.43 10.64
CA SER A 108 13.13 -3.03 9.83
C SER A 108 13.67 -3.34 8.44
N ASP A 109 12.98 -4.23 7.72
CA ASP A 109 13.40 -4.66 6.40
C ASP A 109 12.47 -4.15 5.30
N SER A 110 11.41 -3.39 5.64
CA SER A 110 10.33 -3.11 4.71
C SER A 110 9.31 -2.21 5.38
N THR A 111 8.39 -1.63 4.60
CA THR A 111 7.22 -0.98 5.18
C THR A 111 6.04 -1.06 4.21
N PHE A 112 4.84 -0.88 4.78
CA PHE A 112 3.60 -0.67 4.05
C PHE A 112 2.97 0.63 4.49
N LEU A 113 2.48 1.40 3.50
CA LEU A 113 1.63 2.53 3.75
CA LEU A 113 1.64 2.56 3.70
C LEU A 113 0.33 2.31 2.98
N VAL A 114 -0.80 2.49 3.67
CA VAL A 114 -2.10 2.26 3.09
C VAL A 114 -2.91 3.54 3.24
N PHE A 115 -3.37 4.07 2.11
CA PHE A 115 -4.27 5.22 2.12
C PHE A 115 -5.65 4.77 1.64
N MET A 116 -6.69 5.16 2.36
CA MET A 116 -8.04 4.88 1.96
C MET A 116 -8.87 6.15 2.11
N SER A 117 -9.32 6.70 0.97
CA SER A 117 -9.98 7.99 0.97
C SER A 117 -10.74 8.14 -0.34
N HIS A 118 -11.36 9.31 -0.53
CA HIS A 118 -11.69 9.76 -1.86
C HIS A 118 -10.41 10.30 -2.51
N GLY A 119 -10.44 10.44 -3.83
CA GLY A 119 -9.31 10.98 -4.56
C GLY A 119 -9.75 11.87 -5.71
N ILE A 120 -8.75 12.53 -6.30
CA ILE A 120 -8.82 13.15 -7.62
C ILE A 120 -7.65 12.58 -8.40
N ARG A 121 -7.60 12.88 -9.71
N ARG A 121 -7.54 12.91 -9.69
CA ARG A 121 -6.63 12.26 -10.60
CA ARG A 121 -6.55 12.27 -10.54
C ARG A 121 -5.23 12.39 -10.00
C ARG A 121 -5.15 12.42 -9.94
N GLU A 122 -4.87 13.60 -9.59
N GLU A 122 -4.84 13.61 -9.43
CA GLU A 122 -3.54 13.81 -9.04
CA GLU A 122 -3.48 13.91 -9.01
C GLU A 122 -3.64 14.11 -7.55
C GLU A 122 -3.20 13.44 -7.57
N GLY A 123 -4.10 13.12 -6.76
N GLY A 123 -4.25 13.35 -6.74
CA GLY A 123 -3.99 13.21 -5.32
CA GLY A 123 -3.98 13.17 -5.32
C GLY A 123 -5.03 12.41 -4.53
C GLY A 123 -5.15 12.61 -4.50
N ILE A 124 -4.85 12.47 -3.21
CA ILE A 124 -5.74 11.85 -2.24
C ILE A 124 -6.46 12.97 -1.50
N CYS A 125 -7.76 12.81 -1.27
CA CYS A 125 -8.54 13.85 -0.61
C CYS A 125 -8.34 13.81 0.90
N GLY A 126 -8.06 14.98 1.47
CA GLY A 126 -8.18 15.18 2.91
C GLY A 126 -9.63 15.45 3.30
N LYS A 127 -9.89 15.48 4.61
CA LYS A 127 -11.25 15.50 5.12
C LYS A 127 -11.99 16.77 4.70
N LYS A 128 -11.27 17.86 4.40
CA LYS A 128 -11.90 19.14 4.11
C LYS A 128 -12.04 19.41 2.60
N HIS A 129 -11.73 18.43 1.75
CA HIS A 129 -11.64 18.70 0.32
C HIS A 129 -12.99 19.14 -0.25
N SER A 130 -12.93 20.19 -1.08
CA SER A 130 -14.08 20.69 -1.82
C SER A 130 -13.62 21.25 -3.16
N GLU A 131 -14.57 21.42 -4.08
CA GLU A 131 -14.29 22.06 -5.35
C GLU A 131 -13.72 23.45 -5.10
N GLN A 132 -14.36 24.19 -4.20
CA GLN A 132 -14.06 25.59 -3.97
C GLN A 132 -12.75 25.73 -3.18
N VAL A 133 -12.52 24.83 -2.20
CA VAL A 133 -11.32 24.88 -1.39
C VAL A 133 -10.69 23.49 -1.37
N PRO A 134 -9.67 23.23 -2.22
CA PRO A 134 -9.03 21.91 -2.28
C PRO A 134 -8.32 21.52 -0.98
N ASP A 135 -8.37 20.22 -0.67
CA ASP A 135 -7.61 19.63 0.42
C ASP A 135 -7.02 18.31 -0.11
N ILE A 136 -5.85 18.40 -0.75
CA ILE A 136 -5.31 17.29 -1.54
C ILE A 136 -3.88 17.01 -1.13
N LEU A 137 -3.61 15.71 -0.89
CA LEU A 137 -2.25 15.21 -0.75
C LEU A 137 -1.80 14.66 -2.09
N GLN A 138 -0.79 15.29 -2.70
CA GLN A 138 -0.25 14.86 -3.97
C GLN A 138 0.47 13.52 -3.78
N LEU A 139 0.32 12.62 -4.75
CA LEU A 139 1.04 11.36 -4.71
C LEU A 139 2.55 11.60 -4.66
N ASN A 140 3.05 12.61 -5.38
CA ASN A 140 4.47 12.90 -5.35
C ASN A 140 4.95 13.11 -3.92
N ALA A 141 4.12 13.73 -3.09
CA ALA A 141 4.53 14.07 -1.74
C ALA A 141 4.81 12.81 -0.92
N ILE A 142 4.00 11.76 -1.13
CA ILE A 142 4.19 10.50 -0.42
C ILE A 142 5.58 9.95 -0.73
N PHE A 143 5.90 9.87 -2.02
CA PHE A 143 7.17 9.31 -2.44
C PHE A 143 8.32 10.19 -1.94
N ASN A 144 8.15 11.51 -1.99
CA ASN A 144 9.20 12.42 -1.56
C ASN A 144 9.50 12.22 -0.08
N MET A 145 8.44 12.07 0.73
CA MET A 145 8.62 12.00 2.17
C MET A 145 9.26 10.68 2.59
N LEU A 146 9.17 9.64 1.74
CA LEU A 146 9.68 8.32 2.08
CA LEU A 146 9.69 8.33 2.09
C LEU A 146 10.92 7.99 1.25
N ASN A 147 11.48 8.97 0.54
CA ASN A 147 12.59 8.69 -0.36
C ASN A 147 13.92 8.62 0.40
N THR A 148 15.03 8.48 -0.33
CA THR A 148 16.29 8.14 0.30
C THR A 148 16.84 9.30 1.12
N LYS A 149 16.54 10.52 0.70
CA LYS A 149 17.00 11.69 1.43
C LYS A 149 16.19 11.86 2.72
N ASN A 150 14.85 11.80 2.60
CA ASN A 150 13.96 12.13 3.70
C ASN A 150 13.75 10.94 4.62
N CYS A 151 14.01 9.73 4.11
CA CYS A 151 13.83 8.51 4.89
C CYS A 151 15.03 7.60 4.62
N PRO A 152 16.24 7.99 5.04
CA PRO A 152 17.42 7.16 4.82
C PRO A 152 17.31 5.78 5.48
N SER A 153 16.51 5.65 6.53
CA SER A 153 16.36 4.38 7.23
C SER A 153 15.73 3.30 6.35
N LEU A 154 14.99 3.70 5.30
CA LEU A 154 14.37 2.72 4.43
C LEU A 154 15.08 2.66 3.07
N LYS A 155 16.30 3.19 3.00
CA LYS A 155 17.11 3.02 1.80
C LYS A 155 17.32 1.53 1.54
N ASP A 156 17.11 1.12 0.29
CA ASP A 156 17.34 -0.23 -0.18
C ASP A 156 16.34 -1.22 0.40
N LYS A 157 15.22 -0.73 0.96
CA LYS A 157 14.21 -1.59 1.52
C LYS A 157 12.89 -1.33 0.81
N PRO A 158 12.07 -2.37 0.55
CA PRO A 158 10.84 -2.20 -0.21
C PRO A 158 9.81 -1.41 0.59
N LYS A 159 9.23 -0.43 -0.09
CA LYS A 159 8.19 0.45 0.45
C LYS A 159 6.95 0.25 -0.39
N VAL A 160 5.96 -0.44 0.16
CA VAL A 160 4.74 -0.77 -0.56
C VAL A 160 3.66 0.24 -0.21
N ILE A 161 3.15 0.93 -1.24
CA ILE A 161 2.17 1.98 -1.08
C ILE A 161 0.86 1.50 -1.69
N ILE A 162 -0.14 1.25 -0.85
CA ILE A 162 -1.48 0.90 -1.31
CA ILE A 162 -1.47 0.90 -1.33
C ILE A 162 -2.33 2.16 -1.27
N ILE A 163 -2.86 2.56 -2.43
CA ILE A 163 -3.64 3.79 -2.50
C ILE A 163 -5.02 3.45 -3.02
N GLN A 164 -6.00 3.51 -2.11
CA GLN A 164 -7.39 3.52 -2.51
C GLN A 164 -7.90 4.95 -2.40
N ALA A 165 -8.08 5.59 -3.56
CA ALA A 165 -8.52 6.98 -3.60
C ALA A 165 -9.69 7.08 -4.59
N CYS A 166 -10.90 6.94 -4.04
CA CYS A 166 -12.09 6.71 -4.84
C CYS A 166 -12.44 7.98 -5.60
N ARG A 167 -12.69 7.81 -6.90
CA ARG A 167 -12.90 8.93 -7.82
CA ARG A 167 -12.90 8.92 -7.82
C ARG A 167 -14.17 8.69 -8.63
N GLY A 168 -14.94 9.76 -8.84
CA GLY A 168 -16.11 9.69 -9.70
C GLY A 168 -15.76 9.36 -11.15
N ASP A 169 -14.52 9.69 -11.56
CA ASP A 169 -14.07 9.45 -12.93
C ASP A 169 -13.13 8.23 -12.99
N SER A 170 -13.34 7.26 -12.11
CA SER A 170 -12.57 6.02 -12.19
CA SER A 170 -12.58 6.02 -12.19
C SER A 170 -12.75 5.40 -13.57
N PRO A 171 -11.67 4.90 -14.23
CA PRO A 171 -11.80 4.27 -15.54
C PRO A 171 -12.89 3.20 -15.51
N GLY A 172 -13.74 3.21 -16.54
CA GLY A 172 -14.89 2.33 -16.57
C GLY A 172 -14.77 1.29 -17.68
N VAL A 173 -15.80 1.26 -18.53
CA VAL A 173 -16.01 0.15 -19.44
C VAL A 173 -16.39 0.68 -20.82
N VAL A 174 -16.21 -0.20 -21.79
CA VAL A 174 -16.75 -0.03 -23.12
C VAL A 174 -17.66 -1.23 -23.37
N TRP A 175 -18.77 -0.96 -24.05
CA TRP A 175 -19.76 -1.96 -24.36
C TRP A 175 -19.46 -2.56 -25.73
N PHE A 176 -19.67 -3.88 -25.88
CA PHE A 176 -19.48 -4.55 -27.16
C PHE A 176 -20.52 -5.66 -27.30
N LYS A 177 -20.71 -6.13 -28.54
CA LYS A 177 -21.64 -7.21 -28.83
C LYS A 177 -20.88 -8.53 -28.91
N ASP A 178 -21.53 -9.61 -28.44
CA ASP A 178 -21.02 -10.97 -28.51
C ASP A 178 -19.89 -11.14 -27.48
N ALA A 198 35.10 10.71 0.07
CA ALA A 198 34.45 9.85 1.08
C ALA A 198 32.96 9.67 0.79
N ILE A 199 32.36 10.64 0.08
CA ILE A 199 30.93 10.64 -0.15
C ILE A 199 30.59 9.74 -1.33
N LYS A 200 29.39 9.16 -1.26
CA LYS A 200 28.89 8.24 -2.28
C LYS A 200 27.49 8.69 -2.67
N LYS A 201 27.05 8.29 -3.87
CA LYS A 201 25.74 8.63 -4.39
C LYS A 201 24.78 7.46 -4.21
N ALA A 202 23.55 7.77 -3.82
CA ALA A 202 22.46 6.80 -3.83
C ALA A 202 21.30 7.37 -4.64
N HIS A 203 20.55 6.51 -5.32
CA HIS A 203 19.33 6.96 -6.01
C HIS A 203 18.38 7.62 -5.02
N ILE A 204 17.77 8.73 -5.44
CA ILE A 204 16.86 9.49 -4.60
CA ILE A 204 16.87 9.48 -4.59
C ILE A 204 15.59 8.66 -4.33
N GLU A 205 15.11 7.97 -5.37
CA GLU A 205 13.87 7.23 -5.27
C GLU A 205 14.13 5.82 -5.80
N LYS A 206 13.99 4.82 -4.93
CA LYS A 206 14.22 3.44 -5.30
C LYS A 206 13.49 2.54 -4.31
N ASP A 207 13.17 1.33 -4.77
CA ASP A 207 12.54 0.30 -3.94
C ASP A 207 11.14 0.70 -3.48
N PHE A 208 10.37 1.35 -4.35
CA PHE A 208 8.95 1.58 -4.14
C PHE A 208 8.13 0.71 -5.08
N ILE A 209 6.92 0.38 -4.64
CA ILE A 209 5.87 -0.11 -5.52
C ILE A 209 4.55 0.46 -5.02
N ALA A 210 3.73 0.98 -5.93
CA ALA A 210 2.39 1.43 -5.57
C ALA A 210 1.33 0.56 -6.24
N PHE A 211 0.22 0.32 -5.53
CA PHE A 211 -0.93 -0.38 -6.06
C PHE A 211 -2.15 0.50 -5.83
N CYS A 212 -2.80 0.91 -6.92
CA CYS A 212 -3.72 2.03 -6.87
C CYS A 212 -5.10 1.64 -7.37
N SER A 213 -6.11 1.94 -6.57
CA SER A 213 -7.52 1.72 -6.91
C SER A 213 -8.26 3.05 -6.85
N SER A 214 -9.03 3.35 -7.90
CA SER A 214 -9.83 4.58 -7.92
C SER A 214 -11.33 4.29 -7.86
N THR A 215 -11.71 3.02 -7.74
CA THR A 215 -13.11 2.65 -7.93
C THR A 215 -13.92 3.07 -6.72
N PRO A 216 -15.02 3.85 -6.90
CA PRO A 216 -15.87 4.24 -5.78
C PRO A 216 -16.91 3.18 -5.45
N ASP A 217 -17.65 3.40 -4.36
CA ASP A 217 -18.81 2.58 -4.03
C ASP A 217 -19.98 2.98 -4.93
N GLY A 227 -17.50 -4.02 3.68
CA GLY A 227 -16.26 -3.33 3.29
C GLY A 227 -16.21 -3.10 1.78
N SER A 228 -15.11 -2.51 1.30
CA SER A 228 -14.98 -2.19 -0.10
C SER A 228 -14.52 -3.44 -0.86
N VAL A 229 -14.92 -3.49 -2.13
CA VAL A 229 -14.60 -4.63 -2.98
C VAL A 229 -13.09 -4.75 -3.18
N PHE A 230 -12.42 -3.62 -3.45
CA PHE A 230 -10.99 -3.63 -3.69
C PHE A 230 -10.22 -4.15 -2.47
N ILE A 231 -10.50 -3.59 -1.29
CA ILE A 231 -9.74 -3.97 -0.10
C ILE A 231 -10.00 -5.44 0.21
N GLY A 232 -11.25 -5.89 0.08
CA GLY A 232 -11.56 -7.29 0.35
C GLY A 232 -10.78 -8.24 -0.55
N ARG A 233 -10.71 -7.91 -1.85
CA ARG A 233 -10.03 -8.74 -2.82
C ARG A 233 -8.52 -8.74 -2.57
N LEU A 234 -7.97 -7.57 -2.22
CA LEU A 234 -6.56 -7.47 -1.91
C LEU A 234 -6.22 -8.34 -0.70
N ILE A 235 -7.03 -8.25 0.36
CA ILE A 235 -6.77 -9.04 1.55
C ILE A 235 -6.80 -10.54 1.21
N GLU A 236 -7.83 -10.96 0.46
CA GLU A 236 -7.95 -12.36 0.09
C GLU A 236 -6.71 -12.84 -0.65
N HIS A 237 -6.20 -12.02 -1.58
CA HIS A 237 -5.07 -12.43 -2.39
C HIS A 237 -3.78 -12.45 -1.58
N MET A 238 -3.61 -11.48 -0.68
CA MET A 238 -2.44 -11.46 0.19
CA MET A 238 -2.42 -11.49 0.15
C MET A 238 -2.45 -12.70 1.08
N GLN A 239 -3.63 -13.05 1.61
CA GLN A 239 -3.78 -14.22 2.47
C GLN A 239 -3.39 -15.50 1.74
N GLU A 240 -3.83 -15.62 0.49
CA GLU A 240 -3.67 -16.86 -0.26
CA GLU A 240 -3.67 -16.85 -0.27
C GLU A 240 -2.27 -16.95 -0.87
N TYR A 241 -1.69 -15.82 -1.30
CA TYR A 241 -0.51 -15.90 -2.16
C TYR A 241 0.76 -15.26 -1.59
N ALA A 242 0.70 -14.64 -0.41
CA ALA A 242 1.93 -14.13 0.18
C ALA A 242 2.97 -15.23 0.36
N CYS A 243 2.51 -16.48 0.57
CA CYS A 243 3.41 -17.59 0.82
C CYS A 243 4.27 -17.92 -0.41
N SER A 244 3.75 -17.67 -1.62
CA SER A 244 4.31 -18.25 -2.83
C SER A 244 4.67 -17.22 -3.91
N CYS A 245 4.15 -15.99 -3.77
CA CYS A 245 4.27 -14.98 -4.82
C CYS A 245 4.83 -13.70 -4.23
N ASP A 246 5.66 -12.99 -4.99
CA ASP A 246 6.15 -11.68 -4.57
CA ASP A 246 6.14 -11.69 -4.56
C ASP A 246 5.01 -10.68 -4.72
N VAL A 247 5.14 -9.50 -4.09
CA VAL A 247 4.03 -8.58 -4.01
C VAL A 247 3.58 -8.12 -5.41
N GLU A 248 4.53 -7.92 -6.34
CA GLU A 248 4.18 -7.51 -7.69
C GLU A 248 3.24 -8.54 -8.33
N GLU A 249 3.52 -9.83 -8.12
CA GLU A 249 2.68 -10.88 -8.69
C GLU A 249 1.34 -10.96 -7.97
N ILE A 250 1.30 -10.69 -6.67
CA ILE A 250 0.03 -10.68 -5.96
C ILE A 250 -0.89 -9.63 -6.57
N PHE A 251 -0.34 -8.44 -6.88
CA PHE A 251 -1.11 -7.37 -7.46
C PHE A 251 -1.64 -7.74 -8.84
N ARG A 252 -0.81 -8.41 -9.64
CA ARG A 252 -1.26 -8.93 -10.92
C ARG A 252 -2.46 -9.88 -10.72
N LYS A 253 -2.34 -10.81 -9.75
CA LYS A 253 -3.41 -11.77 -9.53
C LYS A 253 -4.70 -11.06 -9.13
N VAL A 254 -4.61 -9.99 -8.34
CA VAL A 254 -5.78 -9.20 -8.01
C VAL A 254 -6.44 -8.69 -9.29
N ARG A 255 -5.64 -8.13 -10.20
CA ARG A 255 -6.18 -7.64 -11.47
C ARG A 255 -6.85 -8.79 -12.24
N PHE A 256 -6.19 -9.95 -12.28
CA PHE A 256 -6.75 -11.09 -12.99
C PHE A 256 -8.13 -11.43 -12.43
N SER A 257 -8.28 -11.37 -11.10
CA SER A 257 -9.55 -11.72 -10.47
C SER A 257 -10.68 -10.74 -10.84
N PHE A 258 -10.32 -9.55 -11.32
CA PHE A 258 -11.27 -8.49 -11.64
C PHE A 258 -11.47 -8.35 -13.14
N GLU A 259 -10.98 -9.30 -13.94
CA GLU A 259 -10.90 -9.11 -15.38
C GLU A 259 -12.28 -8.93 -16.04
N GLN A 260 -13.36 -9.50 -15.46
CA GLN A 260 -14.69 -9.30 -16.01
C GLN A 260 -15.46 -8.28 -15.18
N PRO A 261 -15.82 -7.08 -15.70
CA PRO A 261 -16.58 -6.10 -14.93
C PRO A 261 -17.99 -6.58 -14.57
N ASP A 262 -18.47 -6.21 -13.36
CA ASP A 262 -19.81 -6.54 -12.89
C ASP A 262 -20.33 -5.42 -11.99
N GLY A 263 -19.63 -5.12 -10.89
CA GLY A 263 -19.89 -3.91 -10.11
C GLY A 263 -19.40 -2.68 -10.87
N ARG A 264 -19.13 -1.55 -10.19
CA ARG A 264 -18.35 -0.52 -10.85
C ARG A 264 -16.96 -1.10 -11.10
N ALA A 265 -16.44 -0.87 -12.31
CA ALA A 265 -15.31 -1.65 -12.81
C ALA A 265 -14.12 -1.50 -11.89
N GLN A 266 -13.41 -2.62 -11.66
CA GLN A 266 -12.20 -2.63 -10.86
C GLN A 266 -11.04 -3.06 -11.74
N MET A 267 -10.03 -2.20 -11.90
CA MET A 267 -8.82 -2.60 -12.59
C MET A 267 -7.65 -1.82 -11.99
N PRO A 268 -7.21 -2.23 -10.78
CA PRO A 268 -6.20 -1.49 -10.04
C PRO A 268 -4.81 -1.62 -10.66
N ALA A 269 -4.18 -0.48 -10.91
CA ALA A 269 -2.89 -0.47 -11.58
C ALA A 269 -1.76 -0.53 -10.58
N THR A 270 -0.69 -1.23 -10.98
CA THR A 270 0.58 -1.10 -10.31
C THR A 270 1.31 0.10 -10.90
N GLU A 271 1.91 0.93 -10.03
CA GLU A 271 2.43 2.23 -10.44
CA GLU A 271 2.44 2.21 -10.47
C GLU A 271 3.78 2.49 -9.78
N ARG A 272 4.58 3.32 -10.46
CA ARG A 272 5.77 3.95 -9.90
C ARG A 272 6.71 2.90 -9.32
N VAL A 273 6.96 1.83 -10.08
CA VAL A 273 7.70 0.70 -9.56
C VAL A 273 9.19 0.92 -9.75
N THR A 274 9.92 1.03 -8.63
CA THR A 274 11.37 1.06 -8.65
C THR A 274 11.96 -0.04 -7.78
N LEU A 275 11.21 -1.12 -7.54
CA LEU A 275 11.80 -2.30 -6.94
C LEU A 275 12.89 -2.87 -7.85
N THR A 276 14.05 -3.19 -7.27
CA THR A 276 15.14 -3.82 -8.00
C THR A 276 15.19 -5.32 -7.76
N ARG A 277 14.52 -5.75 -6.69
CA ARG A 277 14.49 -7.14 -6.27
CA ARG A 277 14.49 -7.14 -6.27
C ARG A 277 13.04 -7.56 -6.09
N CYS A 278 12.82 -8.86 -5.92
CA CYS A 278 11.50 -9.38 -5.63
C CYS A 278 11.21 -9.26 -4.13
N PHE A 279 10.06 -8.68 -3.76
CA PHE A 279 9.68 -8.59 -2.36
C PHE A 279 8.73 -9.75 -2.04
N TYR A 280 9.31 -10.80 -1.44
CA TYR A 280 8.54 -11.89 -0.86
C TYR A 280 8.37 -11.62 0.63
N LEU A 281 7.14 -11.82 1.11
CA LEU A 281 6.80 -11.54 2.50
C LEU A 281 7.20 -12.68 3.43
N PHE A 282 7.47 -13.87 2.89
CA PHE A 282 7.83 -15.04 3.69
C PHE A 282 6.98 -15.13 4.95
N PRO A 283 5.64 -15.19 4.84
CA PRO A 283 4.79 -15.31 6.02
C PRO A 283 5.16 -16.54 6.84
N GLY A 284 5.33 -16.34 8.15
CA GLY A 284 5.80 -17.38 9.05
C GLY A 284 7.29 -17.26 9.37
N HIS A 285 8.00 -16.39 8.63
CA HIS A 285 9.43 -16.16 8.85
C HIS A 285 9.66 -14.70 9.27
#